data_2QQV
#
_entry.id   2QQV
#
_cell.length_a   107.131
_cell.length_b   107.131
_cell.length_c   50.832
_cell.angle_alpha   90.00
_cell.angle_beta   90.00
_cell.angle_gamma   120.00
#
_symmetry.space_group_name_H-M   'P 32'
#
loop_
_entity.id
_entity.type
_entity.pdbx_description
1 polymer Beta-fructofuranosidase
2 branched alpha-D-mannopyranose-(1-3)-alpha-D-mannopyranose-(1-6)-alpha-D-mannopyranose-(1-4)-2-acetamido-2-deoxy-beta-D-glucopyranose-(1-4)-2-acetamido-2-deoxy-beta-D-glucopyranose
3 branched 2-acetamido-2-deoxy-beta-D-glucopyranose-(1-4)-2-acetamido-2-deoxy-beta-D-glucopyranose
4 branched beta-D-fructofuranose-(2-1)-alpha-D-glucopyranose
5 non-polymer 2-acetamido-2-deoxy-beta-D-glucopyranose
6 non-polymer 'SODIUM ION'
7 non-polymer 'ZINC ION'
8 water water
#
_entity_poly.entity_id   1
_entity_poly.type   'polypeptide(L)'
_entity_poly.pdbx_seq_one_letter_code
;NQPYRTGFHFQPPKNWMNDPNGPMIYKGIYHLFYQWNPKGAVWGNIVWAHSTSTDLINWDPHPPAIFPSAPFDINGCWSG
SATILPNGKPVILYTGIDPKNQQVQNIAEPKNLSDPYLREWKKSPLNPLMAPDAVNGINASSFRDPTTAWLGQDKKWRVI
IGSKIHRRGLAITYTSKDFLKWEKSPEPLHYDDGSGMWACPDFFPVTRFGSNGVETSSFGEPNEILKHVLKISLDDTKHD
YYTIGTYDRVKDKFVPDNGFKMDGTAPRYDYGKYYASKTFFDSAKNRRILWGWTNESSSVEDDVEKGWSGIQTIPRKIWL
DRSGKQLIQWPVREVERLRTKQVKNLRNKVLKSGSRLEVYGVTAAQADVEVLFKVRDLEKADVIEPSWTDPQLICSKMNV
SVKSGLGPFGLMVLASKNLEEYTSVYFRIFKARQNSNKYVVLMCSDQSRSSLKEDNDKTTYGAFVDINPHQPLSLRALID
HSVVESFGGKGRACITSRVYPKLAIGKSSHLFAFNYGYQSVDVLNLNAWSMNSAQIS
;
_entity_poly.pdbx_strand_id   A
#
# COMPACT_ATOMS: atom_id res chain seq x y z
N ASN A 1 10.25 -13.76 -24.01
CA ASN A 1 10.16 -12.31 -23.71
C ASN A 1 9.24 -12.03 -22.51
N GLN A 2 9.22 -10.78 -22.04
CA GLN A 2 8.53 -10.40 -20.81
C GLN A 2 7.50 -9.28 -21.02
N PRO A 3 6.27 -9.64 -21.41
CA PRO A 3 5.25 -8.63 -21.69
C PRO A 3 4.56 -8.10 -20.42
N TYR A 4 4.83 -8.73 -19.28
CA TYR A 4 4.16 -8.37 -18.03
C TYR A 4 5.09 -7.73 -16.98
N ARG A 5 6.35 -7.54 -17.35
CA ARG A 5 7.31 -6.84 -16.49
C ARG A 5 7.03 -5.34 -16.53
N THR A 6 7.03 -4.71 -15.36
CA THR A 6 6.69 -3.29 -15.23
C THR A 6 7.83 -2.40 -15.70
N GLY A 7 7.46 -1.28 -16.31
CA GLY A 7 8.42 -0.31 -16.82
C GLY A 7 9.00 0.60 -15.75
N PHE A 8 8.17 1.03 -14.81
CA PHE A 8 8.61 1.99 -13.79
C PHE A 8 8.28 1.62 -12.34
N HIS A 9 7.68 0.44 -12.13
CA HIS A 9 7.46 -0.08 -10.77
C HIS A 9 8.65 -0.88 -10.26
N PHE A 10 8.88 -0.82 -8.96
CA PHE A 10 10.01 -1.50 -8.36
C PHE A 10 9.83 -3.02 -8.29
N GLN A 11 10.75 -3.73 -8.94
CA GLN A 11 10.84 -5.19 -8.87
C GLN A 11 12.27 -5.65 -9.14
N PRO A 12 12.69 -6.78 -8.53
CA PRO A 12 14.03 -7.32 -8.75
C PRO A 12 14.20 -7.78 -10.19
N PRO A 13 15.46 -7.88 -10.67
CA PRO A 13 15.72 -8.39 -12.02
C PRO A 13 15.09 -9.77 -12.27
N LYS A 14 14.98 -10.59 -11.23
CA LYS A 14 14.36 -11.92 -11.34
C LYS A 14 13.78 -12.46 -10.03
N ASN A 15 12.94 -13.48 -10.16
CA ASN A 15 12.31 -14.26 -9.06
C ASN A 15 11.62 -13.56 -7.87
N TRP A 16 11.31 -14.33 -6.82
CA TRP A 16 10.30 -13.98 -5.81
C TRP A 16 10.62 -12.77 -4.92
N MET A 17 9.71 -11.79 -4.92
CA MET A 17 9.77 -10.68 -3.98
C MET A 17 8.58 -10.67 -3.01
N ASN A 18 8.83 -10.20 -1.80
CA ASN A 18 7.88 -10.23 -0.70
C ASN A 18 7.68 -8.82 -0.09
N ASP A 19 7.61 -8.74 1.24
CA ASP A 19 7.36 -7.49 1.97
C ASP A 19 8.45 -6.43 1.73
N PRO A 20 8.07 -5.14 1.75
CA PRO A 20 9.09 -4.09 1.83
C PRO A 20 9.69 -4.06 3.24
N ASN A 21 11.02 -4.01 3.31
CA ASN A 21 11.72 -4.10 4.59
C ASN A 21 12.52 -2.87 4.95
N GLY A 22 12.44 -2.47 6.22
CA GLY A 22 13.17 -1.33 6.77
C GLY A 22 13.45 -0.16 5.84
N PRO A 23 12.40 0.51 5.34
CA PRO A 23 12.65 1.70 4.54
C PRO A 23 13.09 2.86 5.43
N MET A 24 13.98 3.70 4.89
CA MET A 24 14.56 4.81 5.66
C MET A 24 15.28 5.79 4.76
N ILE A 25 15.69 6.92 5.35
CA ILE A 25 16.59 7.85 4.67
C ILE A 25 17.83 8.06 5.55
N TYR A 26 19.00 7.83 4.97
CA TYR A 26 20.27 8.08 5.67
C TYR A 26 21.25 8.84 4.80
N LYS A 27 21.87 9.87 5.41
CA LYS A 27 22.81 10.77 4.72
C LYS A 27 22.33 11.19 3.33
N GLY A 28 21.06 11.57 3.25
CA GLY A 28 20.45 12.05 2.01
C GLY A 28 20.10 10.99 0.98
N ILE A 29 20.28 9.72 1.34
CA ILE A 29 20.01 8.60 0.44
C ILE A 29 18.86 7.71 0.93
N TYR A 30 17.95 7.39 0.01
CA TYR A 30 16.83 6.50 0.31
C TYR A 30 17.23 5.04 0.24
N HIS A 31 16.78 4.26 1.23
CA HIS A 31 17.09 2.84 1.29
C HIS A 31 15.82 2.01 1.29
N LEU A 32 15.82 0.93 0.50
CA LEU A 32 14.75 -0.04 0.50
C LEU A 32 15.30 -1.46 0.49
N PHE A 33 15.11 -2.16 1.60
CA PHE A 33 15.38 -3.58 1.66
C PHE A 33 14.07 -4.29 1.36
N TYR A 34 14.12 -5.62 1.16
CA TYR A 34 12.93 -6.43 0.92
C TYR A 34 13.19 -7.93 1.01
N GLN A 35 12.13 -8.68 1.28
CA GLN A 35 12.18 -10.14 1.34
C GLN A 35 12.35 -10.70 -0.06
N TRP A 36 13.37 -11.53 -0.25
CA TRP A 36 13.71 -12.03 -1.58
C TRP A 36 14.20 -13.49 -1.57
N ASN A 37 13.77 -14.24 -2.57
CA ASN A 37 14.27 -15.59 -2.81
C ASN A 37 15.36 -15.54 -3.88
N PRO A 38 16.63 -15.67 -3.47
CA PRO A 38 17.74 -15.54 -4.41
C PRO A 38 17.87 -16.67 -5.41
N LYS A 39 16.92 -17.62 -5.40
CA LYS A 39 16.98 -18.80 -6.28
C LYS A 39 15.63 -19.50 -6.52
N GLY A 40 14.56 -18.71 -6.62
CA GLY A 40 13.23 -19.28 -6.87
C GLY A 40 12.14 -18.22 -7.02
N ALA A 41 11.15 -18.52 -7.85
CA ALA A 41 10.02 -17.60 -8.09
C ALA A 41 8.86 -17.82 -7.12
N VAL A 42 9.05 -18.75 -6.18
CA VAL A 42 8.12 -18.94 -5.06
C VAL A 42 8.81 -18.52 -3.77
N TRP A 43 8.05 -18.42 -2.68
CA TRP A 43 8.60 -18.09 -1.36
C TRP A 43 9.59 -19.17 -0.91
N GLY A 44 10.73 -18.74 -0.39
CA GLY A 44 11.76 -19.66 0.11
C GLY A 44 13.15 -19.04 0.25
N ASN A 45 13.99 -19.66 1.08
CA ASN A 45 15.36 -19.18 1.36
C ASN A 45 15.43 -17.67 1.45
N ILE A 46 14.55 -17.10 2.27
CA ILE A 46 14.30 -15.67 2.24
C ILE A 46 15.44 -14.85 2.87
N VAL A 47 15.86 -13.81 2.15
CA VAL A 47 16.91 -12.89 2.61
C VAL A 47 16.50 -11.42 2.40
N TRP A 48 17.21 -10.51 3.05
CA TRP A 48 17.00 -9.08 2.90
C TRP A 48 17.80 -8.54 1.71
N ALA A 49 17.15 -8.43 0.56
CA ALA A 49 17.80 -7.81 -0.61
C ALA A 49 17.84 -6.29 -0.41
N HIS A 50 18.72 -5.61 -1.14
CA HIS A 50 19.04 -4.21 -0.85
C HIS A 50 19.21 -3.35 -2.10
N SER A 51 18.47 -2.25 -2.16
CA SER A 51 18.56 -1.28 -3.24
C SER A 51 18.49 0.14 -2.68
N THR A 52 19.05 1.10 -3.41
CA THR A 52 19.06 2.51 -2.98
C THR A 52 18.66 3.48 -4.08
N SER A 53 18.21 4.67 -3.67
CA SER A 53 17.79 5.72 -4.61
C SER A 53 18.02 7.12 -4.04
N THR A 54 17.96 8.11 -4.93
CA THR A 54 17.98 9.52 -4.52
C THR A 54 16.62 10.18 -4.78
N ASP A 55 15.73 9.48 -5.46
CA ASP A 55 14.44 10.05 -5.88
C ASP A 55 13.25 9.12 -5.65
N LEU A 56 13.51 7.96 -5.04
CA LEU A 56 12.49 6.94 -4.75
C LEU A 56 11.84 6.31 -5.99
N ILE A 57 12.39 6.58 -7.17
CA ILE A 57 11.87 6.05 -8.43
C ILE A 57 12.87 5.10 -9.13
N ASN A 58 14.10 5.58 -9.32
CA ASN A 58 15.17 4.79 -9.94
C ASN A 58 16.07 4.18 -8.87
N TRP A 59 16.29 2.87 -8.97
CA TRP A 59 16.95 2.14 -7.88
C TRP A 59 18.22 1.40 -8.31
N ASP A 60 19.24 1.48 -7.46
CA ASP A 60 20.54 0.86 -7.73
C ASP A 60 20.77 -0.34 -6.81
N PRO A 61 21.19 -1.48 -7.38
CA PRO A 61 21.30 -2.75 -6.66
C PRO A 61 22.49 -2.84 -5.72
N HIS A 62 22.35 -3.67 -4.69
CA HIS A 62 23.42 -4.00 -3.75
C HIS A 62 23.23 -5.44 -3.29
N PRO A 63 24.34 -6.13 -2.93
CA PRO A 63 24.24 -7.50 -2.39
C PRO A 63 23.38 -7.55 -1.09
N PRO A 64 22.64 -8.67 -0.89
CA PRO A 64 21.78 -8.84 0.28
C PRO A 64 22.48 -8.52 1.61
N ALA A 65 21.83 -7.69 2.42
CA ALA A 65 22.41 -7.20 3.67
C ALA A 65 22.22 -8.15 4.85
N ILE A 66 21.01 -8.70 5.00
CA ILE A 66 20.70 -9.60 6.10
C ILE A 66 20.27 -10.98 5.58
N PHE A 67 21.10 -11.98 5.88
CA PHE A 67 20.90 -13.34 5.40
C PHE A 67 21.28 -14.33 6.50
N PRO A 68 20.73 -15.56 6.46
CA PRO A 68 21.05 -16.57 7.50
C PRO A 68 22.55 -16.85 7.61
N SER A 69 23.09 -16.61 8.81
CA SER A 69 24.53 -16.77 9.08
C SER A 69 24.85 -16.95 10.57
N ALA A 70 23.81 -17.04 11.40
CA ALA A 70 23.98 -17.12 12.85
C ALA A 70 22.82 -17.86 13.51
N PRO A 71 22.99 -18.33 14.77
CA PRO A 71 21.94 -19.11 15.44
C PRO A 71 20.56 -18.45 15.45
N PHE A 72 20.54 -17.14 15.71
CA PHE A 72 19.27 -16.40 15.88
C PHE A 72 18.48 -16.12 14.60
N ASP A 73 19.07 -16.43 13.43
CA ASP A 73 18.39 -16.24 12.15
C ASP A 73 18.71 -17.34 11.13
N ILE A 74 19.15 -18.51 11.63
CA ILE A 74 19.65 -19.61 10.80
C ILE A 74 18.63 -20.16 9.78
N ASN A 75 17.35 -20.14 10.13
CA ASN A 75 16.31 -20.68 9.26
C ASN A 75 15.49 -19.62 8.52
N GLY A 76 15.96 -18.37 8.55
CA GLY A 76 15.32 -17.30 7.77
C GLY A 76 15.46 -15.91 8.34
N CYS A 77 15.45 -14.92 7.45
CA CYS A 77 15.52 -13.51 7.83
C CYS A 77 14.27 -12.75 7.40
N TRP A 78 13.27 -12.78 8.27
CA TRP A 78 11.94 -12.25 7.95
C TRP A 78 11.87 -10.72 8.11
N SER A 79 10.67 -10.17 7.91
CA SER A 79 10.47 -8.73 7.85
C SER A 79 10.86 -7.97 9.12
N GLY A 80 11.05 -6.67 8.96
CA GLY A 80 11.43 -5.78 10.05
C GLY A 80 11.45 -4.32 9.62
N SER A 81 11.99 -3.47 10.48
CA SER A 81 11.98 -2.02 10.25
C SER A 81 13.30 -1.36 10.64
N ALA A 82 13.47 -0.12 10.19
CA ALA A 82 14.66 0.66 10.54
C ALA A 82 14.32 1.88 11.39
N THR A 83 14.97 1.98 12.54
CA THR A 83 14.87 3.16 13.41
C THR A 83 16.10 4.03 13.21
N ILE A 84 15.91 5.34 13.25
CA ILE A 84 17.01 6.30 13.18
C ILE A 84 17.21 6.94 14.56
N LEU A 85 18.27 6.52 15.25
CA LEU A 85 18.60 7.04 16.57
C LEU A 85 18.86 8.55 16.52
N PRO A 86 18.58 9.27 17.63
CA PRO A 86 18.69 10.74 17.66
C PRO A 86 20.06 11.29 17.24
N ASN A 87 21.09 10.44 17.25
CA ASN A 87 22.43 10.82 16.78
C ASN A 87 22.66 10.50 15.29
N GLY A 88 21.58 10.22 14.56
CA GLY A 88 21.64 9.96 13.12
C GLY A 88 21.90 8.53 12.72
N LYS A 89 22.43 7.74 13.66
CA LYS A 89 22.71 6.32 13.46
C LYS A 89 21.43 5.52 13.18
N PRO A 90 21.43 4.71 12.10
CA PRO A 90 20.30 3.82 11.80
C PRO A 90 20.51 2.39 12.32
N VAL A 91 19.43 1.79 12.81
CA VAL A 91 19.45 0.36 13.21
C VAL A 91 18.24 -0.40 12.67
N ILE A 92 18.42 -1.70 12.44
CA ILE A 92 17.34 -2.56 11.97
C ILE A 92 16.97 -3.60 13.01
N LEU A 93 15.67 -3.68 13.32
CA LEU A 93 15.13 -4.80 14.09
C LEU A 93 14.37 -5.71 13.14
N TYR A 94 14.75 -6.98 13.10
CA TYR A 94 14.13 -7.95 12.21
C TYR A 94 13.82 -9.28 12.91
N THR A 95 12.93 -10.07 12.30
CA THR A 95 12.56 -11.37 12.82
C THR A 95 13.41 -12.47 12.19
N GLY A 96 14.07 -13.26 13.03
CA GLY A 96 14.83 -14.41 12.56
C GLY A 96 14.22 -15.72 13.01
N ILE A 97 14.49 -16.79 12.28
CA ILE A 97 14.02 -18.12 12.65
C ILE A 97 15.18 -18.94 13.21
N ASP A 98 15.06 -19.35 14.47
CA ASP A 98 16.14 -20.02 15.19
C ASP A 98 16.17 -21.55 14.97
N PRO A 99 17.16 -22.25 15.58
CA PRO A 99 17.30 -23.71 15.45
C PRO A 99 16.08 -24.53 15.88
N LYS A 100 15.15 -23.90 16.60
CA LYS A 100 13.92 -24.54 17.04
C LYS A 100 12.71 -24.06 16.25
N ASN A 101 12.96 -23.32 15.17
CA ASN A 101 11.91 -22.69 14.35
C ASN A 101 11.02 -21.72 15.12
N GLN A 102 11.64 -20.91 15.97
CA GLN A 102 10.94 -19.87 16.72
C GLN A 102 11.18 -18.51 16.08
N GLN A 103 10.16 -17.67 16.11
CA GLN A 103 10.27 -16.32 15.58
C GLN A 103 10.81 -15.38 16.66
N VAL A 104 12.04 -14.92 16.47
CA VAL A 104 12.73 -14.10 17.47
C VAL A 104 13.21 -12.76 16.89
N GLN A 105 13.36 -11.77 17.75
CA GLN A 105 13.70 -10.41 17.33
C GLN A 105 15.19 -10.11 17.47
N ASN A 106 15.81 -9.76 16.34
CA ASN A 106 17.25 -9.53 16.26
C ASN A 106 17.58 -8.09 15.86
N ILE A 107 18.63 -7.53 16.49
CA ILE A 107 19.13 -6.22 16.11
C ILE A 107 20.31 -6.35 15.15
N ALA A 108 20.41 -5.39 14.23
CA ALA A 108 21.52 -5.30 13.29
C ALA A 108 21.85 -3.84 13.03
N GLU A 109 23.14 -3.54 12.93
CA GLU A 109 23.60 -2.17 12.68
C GLU A 109 24.72 -2.13 11.62
N PRO A 110 24.90 -0.97 10.95
CA PRO A 110 25.89 -0.86 9.87
C PRO A 110 27.33 -1.08 10.34
N LYS A 111 28.16 -1.60 9.44
CA LYS A 111 29.57 -1.86 9.73
C LYS A 111 30.43 -0.61 9.54
N ASN A 112 30.05 0.22 8.56
CA ASN A 112 30.79 1.42 8.19
C ASN A 112 29.84 2.60 7.98
N LEU A 113 29.66 3.40 9.03
CA LEU A 113 28.74 4.55 9.00
C LEU A 113 29.09 5.63 7.97
N SER A 114 30.30 5.54 7.42
CA SER A 114 30.74 6.49 6.39
C SER A 114 30.30 6.07 5.00
N ASP A 115 29.97 4.79 4.84
CA ASP A 115 29.42 4.27 3.59
C ASP A 115 27.95 4.68 3.48
N PRO A 116 27.63 5.59 2.53
CA PRO A 116 26.27 6.13 2.44
C PRO A 116 25.29 5.14 1.83
N TYR A 117 25.81 4.04 1.28
CA TYR A 117 24.99 2.97 0.73
C TYR A 117 24.77 1.83 1.73
N LEU A 118 25.42 1.93 2.90
CA LEU A 118 25.29 0.95 3.99
C LEU A 118 25.28 -0.49 3.48
N ARG A 119 26.39 -0.89 2.88
CA ARG A 119 26.51 -2.18 2.20
C ARG A 119 26.46 -3.38 3.15
N GLU A 120 27.29 -3.34 4.20
CA GLU A 120 27.44 -4.47 5.10
C GLU A 120 26.92 -4.16 6.50
N TRP A 121 26.19 -5.12 7.07
CA TRP A 121 25.57 -4.94 8.37
C TRP A 121 26.07 -6.01 9.34
N LYS A 122 26.33 -5.61 10.58
CA LYS A 122 26.78 -6.53 11.62
C LYS A 122 25.69 -6.85 12.64
N LYS A 123 25.62 -8.11 13.04
CA LYS A 123 24.61 -8.56 14.00
C LYS A 123 25.25 -8.77 15.36
N SER A 124 24.56 -8.31 16.40
CA SER A 124 25.04 -8.46 17.77
C SER A 124 24.97 -9.92 18.23
N PRO A 125 26.10 -10.45 18.75
CA PRO A 125 26.11 -11.80 19.32
C PRO A 125 25.22 -11.91 20.56
N LEU A 126 24.58 -10.80 20.93
CA LEU A 126 23.61 -10.78 22.02
C LEU A 126 22.18 -11.07 21.55
N ASN A 127 22.00 -11.22 20.23
CA ASN A 127 20.72 -11.59 19.65
C ASN A 127 20.33 -13.04 20.00
N PRO A 128 19.03 -13.30 20.24
CA PRO A 128 17.89 -12.38 20.12
C PRO A 128 17.70 -11.45 21.31
N LEU A 129 17.34 -10.20 21.02
CA LEU A 129 17.01 -9.22 22.05
C LEU A 129 15.60 -9.46 22.59
N MET A 130 14.72 -9.98 21.73
CA MET A 130 13.35 -10.32 22.12
C MET A 130 12.97 -11.70 21.59
N ALA A 131 12.54 -12.58 22.50
CA ALA A 131 12.25 -13.98 22.17
C ALA A 131 11.11 -14.56 23.01
N PRO A 132 10.30 -15.46 22.43
CA PRO A 132 9.28 -16.15 23.22
C PRO A 132 9.90 -17.11 24.24
N ASP A 133 9.20 -17.34 25.34
CA ASP A 133 9.67 -18.28 26.36
C ASP A 133 8.53 -18.80 27.26
N ALA A 134 8.90 -19.53 28.30
CA ALA A 134 7.95 -20.16 29.21
C ALA A 134 7.25 -19.16 30.14
N VAL A 135 7.91 -18.05 30.45
CA VAL A 135 7.33 -17.05 31.36
C VAL A 135 6.44 -16.02 30.66
N ASN A 136 6.82 -15.57 29.46
CA ASN A 136 6.01 -14.62 28.70
C ASN A 136 4.78 -15.25 28.05
N GLY A 137 4.86 -16.55 27.78
CA GLY A 137 3.78 -17.33 27.17
C GLY A 137 3.43 -16.91 25.76
N ILE A 138 4.39 -16.33 25.04
CA ILE A 138 4.18 -15.84 23.68
C ILE A 138 4.17 -17.00 22.68
N ASN A 139 3.22 -16.98 21.75
CA ASN A 139 3.16 -17.96 20.66
C ASN A 139 4.40 -17.88 19.78
N ALA A 140 5.26 -18.89 19.91
CA ALA A 140 6.55 -18.95 19.21
C ALA A 140 6.43 -18.93 17.68
N SER A 141 5.29 -19.38 17.17
CA SER A 141 5.06 -19.47 15.73
C SER A 141 4.38 -18.22 15.16
N SER A 142 4.04 -17.27 16.04
CA SER A 142 3.41 -16.01 15.63
C SER A 142 3.90 -14.85 16.50
N PHE A 143 5.11 -14.37 16.20
CA PHE A 143 5.78 -13.30 16.96
C PHE A 143 6.79 -12.60 16.05
N ARG A 144 6.28 -11.83 15.10
CA ARG A 144 7.13 -11.28 14.03
C ARG A 144 6.80 -9.85 13.65
N ASP A 145 7.66 -9.27 12.81
CA ASP A 145 7.50 -7.94 12.20
C ASP A 145 7.58 -6.78 13.20
N PRO A 146 8.78 -6.52 13.76
CA PRO A 146 8.93 -5.38 14.68
C PRO A 146 8.89 -4.04 13.94
N THR A 147 8.26 -3.05 14.54
CA THR A 147 8.05 -1.74 13.91
C THR A 147 9.25 -0.82 14.08
N THR A 148 9.15 0.37 13.49
CA THR A 148 10.06 1.46 13.82
C THR A 148 9.81 1.82 15.28
N ALA A 149 10.89 1.97 16.05
CA ALA A 149 10.81 2.24 17.48
C ALA A 149 10.77 3.73 17.79
N TRP A 150 9.95 4.10 18.79
CA TRP A 150 9.82 5.51 19.19
C TRP A 150 10.25 5.74 20.64
N LEU A 151 10.80 6.93 20.88
CA LEU A 151 11.29 7.34 22.21
C LEU A 151 10.25 8.23 22.91
N GLY A 152 9.83 7.81 24.09
CA GLY A 152 8.81 8.52 24.85
C GLY A 152 9.34 9.70 25.66
N GLN A 153 8.43 10.36 26.38
CA GLN A 153 8.79 11.52 27.21
C GLN A 153 9.45 11.14 28.54
N ASP A 154 9.47 9.85 28.84
CA ASP A 154 10.20 9.32 30.01
C ASP A 154 11.53 8.67 29.60
N LYS A 155 12.09 9.15 28.48
CA LYS A 155 13.37 8.67 27.94
C LYS A 155 13.47 7.17 27.65
N LYS A 156 12.32 6.50 27.56
CA LYS A 156 12.31 5.07 27.26
C LYS A 156 11.79 4.76 25.85
N TRP A 157 12.49 3.84 25.17
CA TRP A 157 12.09 3.39 23.85
C TRP A 157 10.91 2.44 23.92
N ARG A 158 10.01 2.58 22.97
CA ARG A 158 8.88 1.66 22.82
C ARG A 158 8.88 1.09 21.40
N VAL A 159 8.60 -0.20 21.30
CA VAL A 159 8.48 -0.88 20.02
C VAL A 159 7.42 -1.96 20.13
N ILE A 160 6.67 -2.17 19.05
CA ILE A 160 5.67 -3.24 19.03
C ILE A 160 6.01 -4.36 18.05
N ILE A 161 5.61 -5.58 18.41
CA ILE A 161 5.79 -6.75 17.55
C ILE A 161 4.44 -7.42 17.38
N GLY A 162 4.05 -7.68 16.13
CA GLY A 162 2.77 -8.31 15.83
C GLY A 162 2.73 -9.75 16.25
N SER A 163 1.62 -10.16 16.86
CA SER A 163 1.46 -11.52 17.37
C SER A 163 -0.01 -11.96 17.45
N LYS A 164 -0.24 -13.10 18.09
CA LYS A 164 -1.60 -13.59 18.37
C LYS A 164 -1.63 -14.68 19.46
N ILE A 165 -2.75 -14.75 20.17
CA ILE A 165 -3.04 -15.85 21.11
C ILE A 165 -4.51 -16.28 20.99
N HIS A 166 -4.73 -17.47 20.43
CA HIS A 166 -6.08 -18.04 20.26
C HIS A 166 -7.06 -17.08 19.58
N ARG A 167 -6.89 -16.86 18.27
CA ARG A 167 -7.77 -15.96 17.50
C ARG A 167 -7.83 -14.50 17.99
N ARG A 168 -6.95 -14.14 18.92
CA ARG A 168 -6.83 -12.76 19.38
C ARG A 168 -5.56 -12.13 18.84
N GLY A 169 -5.73 -11.08 18.03
CA GLY A 169 -4.62 -10.29 17.53
C GLY A 169 -4.19 -9.25 18.55
N LEU A 170 -2.89 -9.09 18.70
CA LEU A 170 -2.34 -8.11 19.64
C LEU A 170 -1.00 -7.52 19.20
N ALA A 171 -0.78 -6.26 19.59
CA ALA A 171 0.48 -5.58 19.35
C ALA A 171 1.26 -5.51 20.66
N ILE A 172 2.16 -6.48 20.85
CA ILE A 172 2.97 -6.58 22.06
C ILE A 172 4.01 -5.46 22.09
N THR A 173 3.92 -4.61 23.11
CA THR A 173 4.86 -3.51 23.28
C THR A 173 6.03 -3.87 24.20
N TYR A 174 7.22 -3.40 23.84
CA TYR A 174 8.43 -3.59 24.64
C TYR A 174 9.02 -2.25 25.04
N THR A 175 9.74 -2.23 26.15
CA THR A 175 10.39 -1.01 26.63
C THR A 175 11.89 -1.20 26.79
N SER A 176 12.65 -0.17 26.47
CA SER A 176 14.10 -0.15 26.68
C SER A 176 14.59 1.27 26.91
N LYS A 177 15.68 1.40 27.67
CA LYS A 177 16.26 2.72 27.95
C LYS A 177 17.68 2.86 27.41
N ASP A 178 18.12 1.85 26.64
CA ASP A 178 19.45 1.84 26.03
C ASP A 178 19.46 1.23 24.62
N PHE A 179 18.31 0.70 24.21
CA PHE A 179 18.11 0.06 22.91
C PHE A 179 18.98 -1.20 22.77
N LEU A 180 19.10 -1.96 23.87
CA LEU A 180 19.90 -3.17 23.92
C LEU A 180 19.27 -4.19 24.85
N LYS A 181 18.70 -3.71 25.96
CA LYS A 181 17.98 -4.54 26.92
C LYS A 181 16.49 -4.21 26.83
N TRP A 182 15.71 -5.13 26.25
CA TRP A 182 14.28 -4.90 26.02
C TRP A 182 13.41 -5.75 26.93
N GLU A 183 12.59 -5.10 27.75
CA GLU A 183 11.62 -5.79 28.59
C GLU A 183 10.20 -5.65 28.08
N LYS A 184 9.45 -6.74 28.13
CA LYS A 184 8.06 -6.77 27.69
C LYS A 184 7.18 -6.01 28.67
N SER A 185 6.41 -5.06 28.13
CA SER A 185 5.40 -4.36 28.93
C SER A 185 4.30 -5.34 29.29
N PRO A 186 3.76 -5.25 30.53
CA PRO A 186 2.75 -6.18 31.04
C PRO A 186 1.55 -6.35 30.11
N GLU A 187 1.11 -5.24 29.51
CA GLU A 187 -0.05 -5.25 28.63
C GLU A 187 0.28 -4.71 27.24
N PRO A 188 -0.40 -5.24 26.19
CA PRO A 188 -0.20 -4.77 24.82
C PRO A 188 -0.70 -3.35 24.59
N LEU A 189 -0.18 -2.71 23.54
CA LEU A 189 -0.62 -1.36 23.17
C LEU A 189 -2.10 -1.40 22.80
N HIS A 190 -2.48 -2.42 22.04
CA HIS A 190 -3.87 -2.68 21.67
C HIS A 190 -4.05 -4.14 21.27
N TYR A 191 -5.31 -4.58 21.23
CA TYR A 191 -5.65 -5.94 20.87
C TYR A 191 -7.07 -6.01 20.30
N ASP A 192 -7.37 -7.10 19.59
CA ASP A 192 -8.71 -7.34 19.07
C ASP A 192 -9.03 -8.83 18.98
N ASP A 193 -10.13 -9.22 19.63
CA ASP A 193 -10.61 -10.59 19.60
C ASP A 193 -11.34 -10.88 18.29
N GLY A 194 -11.08 -12.04 17.69
CA GLY A 194 -11.75 -12.44 16.46
C GLY A 194 -10.85 -12.42 15.24
N SER A 195 -10.21 -11.27 15.00
CA SER A 195 -9.20 -11.14 13.94
C SER A 195 -7.99 -11.99 14.30
N GLY A 196 -7.39 -12.63 13.30
CA GLY A 196 -6.32 -13.60 13.54
C GLY A 196 -4.97 -13.00 13.91
N MET A 197 -3.94 -13.41 13.18
CA MET A 197 -2.58 -12.89 13.36
C MET A 197 -2.50 -11.41 12.99
N TRP A 198 -1.85 -10.62 13.85
CA TRP A 198 -1.64 -9.20 13.62
C TRP A 198 -0.27 -8.94 13.00
N ALA A 199 -0.13 -9.28 11.72
CA ALA A 199 1.15 -9.14 11.01
C ALA A 199 1.42 -7.69 10.61
N CYS A 200 2.66 -7.43 10.17
CA CYS A 200 3.12 -6.10 9.76
C CYS A 200 2.44 -4.93 10.46
N PRO A 201 2.68 -4.77 11.78
CA PRO A 201 2.11 -3.62 12.47
C PRO A 201 2.85 -2.34 12.13
N ASP A 202 2.21 -1.20 12.40
CA ASP A 202 2.83 0.10 12.19
C ASP A 202 2.18 1.11 13.12
N PHE A 203 2.99 2.00 13.70
CA PHE A 203 2.48 3.01 14.63
C PHE A 203 3.20 4.33 14.43
N PHE A 204 2.44 5.36 14.06
CA PHE A 204 2.99 6.67 13.70
C PHE A 204 2.01 7.82 13.93
N PRO A 205 2.54 9.01 14.27
CA PRO A 205 1.70 10.19 14.47
C PRO A 205 1.43 10.99 13.19
N VAL A 206 0.33 11.75 13.20
CA VAL A 206 -0.03 12.67 12.11
C VAL A 206 -0.66 13.95 12.67
N THR A 207 -0.42 15.07 11.98
CA THR A 207 -1.04 16.35 12.34
C THR A 207 -2.51 16.35 11.95
N ARG A 208 -3.34 17.01 12.75
CA ARG A 208 -4.78 17.06 12.51
C ARG A 208 -5.13 17.84 11.23
N PHE A 209 -4.40 18.93 10.98
CA PHE A 209 -4.55 19.71 9.75
C PHE A 209 -3.19 19.98 9.11
N GLY A 210 -2.99 19.46 7.90
CA GLY A 210 -1.74 19.65 7.17
C GLY A 210 -1.37 18.46 6.29
N SER A 211 -0.51 18.71 5.31
CA SER A 211 -0.02 17.66 4.41
C SER A 211 1.30 17.07 4.88
N ASN A 212 2.01 17.80 5.74
CA ASN A 212 3.35 17.42 6.15
C ASN A 212 3.41 16.24 7.11
N GLY A 213 4.47 15.44 6.97
CA GLY A 213 4.70 14.28 7.82
C GLY A 213 5.20 14.69 9.19
N VAL A 214 5.06 13.78 10.14
CA VAL A 214 5.49 13.99 11.52
C VAL A 214 6.55 12.95 11.88
N GLU A 215 7.60 13.39 12.56
CA GLU A 215 8.63 12.48 13.06
C GLU A 215 7.98 11.50 14.03
N THR A 216 8.44 10.26 14.00
CA THR A 216 7.83 9.16 14.77
C THR A 216 7.85 9.38 16.29
N SER A 217 8.98 9.88 16.80
CA SER A 217 9.15 10.09 18.25
C SER A 217 8.42 11.33 18.77
N SER A 218 8.05 12.23 17.86
CA SER A 218 7.53 13.56 18.17
C SER A 218 6.31 13.57 19.10
N PHE A 219 6.33 14.50 20.05
CA PHE A 219 5.19 14.78 20.92
C PHE A 219 4.46 16.01 20.37
N GLY A 220 5.06 16.63 19.37
CA GLY A 220 4.51 17.83 18.74
C GLY A 220 4.75 19.07 19.56
N GLU A 221 4.44 20.23 18.97
CA GLU A 221 4.53 21.52 19.67
C GLU A 221 3.39 21.69 20.68
N PRO A 222 3.50 22.69 21.59
CA PRO A 222 2.38 23.05 22.46
C PRO A 222 1.20 23.64 21.67
N ASN A 223 1.46 24.00 20.42
CA ASN A 223 0.45 24.55 19.51
C ASN A 223 -0.02 23.53 18.47
N GLU A 224 0.87 22.61 18.09
CA GLU A 224 0.55 21.57 17.09
C GLU A 224 -0.27 20.43 17.72
N ILE A 225 -1.40 20.10 17.08
CA ILE A 225 -2.30 19.06 17.56
C ILE A 225 -2.13 17.75 16.78
N LEU A 226 -1.84 16.67 17.50
CA LEU A 226 -1.48 15.40 16.88
C LEU A 226 -2.48 14.28 17.13
N LYS A 227 -2.55 13.35 16.17
CA LYS A 227 -3.29 12.10 16.31
C LYS A 227 -2.38 10.93 15.91
N HIS A 228 -2.76 9.72 16.31
CA HIS A 228 -1.97 8.54 16.00
C HIS A 228 -2.71 7.51 15.15
N VAL A 229 -1.95 6.82 14.28
CA VAL A 229 -2.48 5.78 13.41
C VAL A 229 -1.82 4.44 13.71
N LEU A 230 -2.63 3.46 14.11
CA LEU A 230 -2.16 2.07 14.20
C LEU A 230 -2.63 1.29 12.98
N LYS A 231 -1.68 0.69 12.28
CA LYS A 231 -1.96 -0.10 11.08
C LYS A 231 -1.56 -1.55 11.31
N ILE A 232 -2.36 -2.48 10.78
CA ILE A 232 -2.06 -3.90 10.90
C ILE A 232 -2.37 -4.67 9.62
N SER A 233 -1.67 -5.78 9.41
CA SER A 233 -1.93 -6.68 8.29
C SER A 233 -2.57 -7.96 8.80
N LEU A 234 -3.87 -8.11 8.56
CA LEU A 234 -4.61 -9.30 8.99
C LEU A 234 -4.29 -10.48 8.08
N ASP A 235 -3.67 -11.51 8.66
CA ASP A 235 -3.24 -12.68 7.90
C ASP A 235 -4.43 -13.51 7.43
N ASP A 236 -5.52 -13.46 8.18
CA ASP A 236 -6.76 -14.15 7.84
C ASP A 236 -7.38 -13.62 6.54
N THR A 237 -7.46 -12.30 6.41
CA THR A 237 -8.11 -11.66 5.26
C THR A 237 -7.13 -11.24 4.17
N LYS A 238 -5.84 -11.23 4.51
CA LYS A 238 -4.75 -10.79 3.62
C LYS A 238 -4.87 -9.33 3.16
N HIS A 239 -5.30 -8.45 4.06
CA HIS A 239 -5.42 -7.02 3.79
C HIS A 239 -4.77 -6.15 4.87
N ASP A 240 -4.50 -4.90 4.52
CA ASP A 240 -3.95 -3.93 5.46
C ASP A 240 -5.00 -2.93 5.90
N TYR A 241 -5.20 -2.85 7.22
CA TYR A 241 -6.21 -1.97 7.81
C TYR A 241 -5.56 -0.97 8.76
N TYR A 242 -6.20 0.19 8.92
CA TYR A 242 -5.75 1.19 9.88
C TYR A 242 -6.92 1.83 10.64
N THR A 243 -6.63 2.32 11.84
CA THR A 243 -7.55 3.16 12.60
C THR A 243 -6.83 4.43 13.05
N ILE A 244 -7.59 5.48 13.30
CA ILE A 244 -7.05 6.75 13.78
C ILE A 244 -7.48 6.96 15.23
N GLY A 245 -6.56 7.38 16.08
CA GLY A 245 -6.86 7.59 17.49
C GLY A 245 -5.87 8.42 18.27
N THR A 246 -5.88 8.22 19.59
CA THR A 246 -4.99 8.94 20.50
C THR A 246 -4.07 7.99 21.25
N TYR A 247 -2.81 8.41 21.40
CA TYR A 247 -1.80 7.62 22.11
C TYR A 247 -1.68 8.08 23.56
N ASP A 248 -2.33 7.32 24.45
CA ASP A 248 -2.25 7.55 25.89
C ASP A 248 -0.88 7.12 26.39
N ARG A 249 0.00 8.10 26.57
CA ARG A 249 1.40 7.86 26.92
C ARG A 249 1.57 7.43 28.38
N VAL A 250 0.56 7.73 29.20
CA VAL A 250 0.58 7.32 30.61
C VAL A 250 0.34 5.81 30.70
N LYS A 251 -0.81 5.36 30.21
CA LYS A 251 -1.18 3.94 30.26
C LYS A 251 -0.43 3.12 29.21
N ASP A 252 0.21 3.81 28.26
CA ASP A 252 0.93 3.20 27.13
C ASP A 252 0.04 2.29 26.29
N LYS A 253 -1.16 2.80 25.96
CA LYS A 253 -2.14 2.07 25.15
C LYS A 253 -2.64 2.97 24.02
N PHE A 254 -3.02 2.36 22.91
CA PHE A 254 -3.60 3.10 21.79
C PHE A 254 -5.13 3.06 21.86
N VAL A 255 -5.75 4.23 21.88
CA VAL A 255 -7.20 4.35 21.96
C VAL A 255 -7.76 4.92 20.65
N PRO A 256 -8.46 4.08 19.87
CA PRO A 256 -9.03 4.48 18.58
C PRO A 256 -10.17 5.48 18.77
N ASP A 257 -10.35 6.36 17.79
CA ASP A 257 -11.44 7.34 17.82
C ASP A 257 -12.80 6.67 17.96
N ASN A 258 -13.78 7.44 18.43
CA ASN A 258 -15.14 6.96 18.53
C ASN A 258 -15.66 6.53 17.16
N GLY A 259 -15.97 5.25 17.03
CA GLY A 259 -16.46 4.69 15.76
C GLY A 259 -15.57 3.63 15.16
N PHE A 260 -14.26 3.78 15.33
CA PHE A 260 -13.28 2.83 14.79
C PHE A 260 -13.18 1.56 15.62
N LYS A 261 -12.83 0.45 14.96
CA LYS A 261 -12.48 -0.81 15.63
C LYS A 261 -11.39 -1.50 14.81
N MET A 262 -10.33 -1.93 15.51
CA MET A 262 -9.14 -2.52 14.86
C MET A 262 -9.33 -3.96 14.40
N ASP A 263 -10.20 -4.16 13.41
CA ASP A 263 -10.42 -5.48 12.82
C ASP A 263 -10.67 -5.36 11.32
N GLY A 264 -11.38 -6.32 10.75
CA GLY A 264 -11.72 -6.33 9.33
C GLY A 264 -12.79 -5.34 8.90
N THR A 265 -13.23 -4.49 9.84
CA THR A 265 -14.22 -3.45 9.52
C THR A 265 -13.61 -2.04 9.53
N ALA A 266 -12.29 -1.97 9.70
CA ALA A 266 -11.56 -0.71 9.67
C ALA A 266 -11.22 -0.29 8.23
N PRO A 267 -11.01 1.03 8.00
CA PRO A 267 -10.55 1.53 6.70
C PRO A 267 -9.28 0.84 6.21
N ARG A 268 -9.17 0.68 4.89
CA ARG A 268 -7.96 0.14 4.27
C ARG A 268 -7.17 1.24 3.58
N TYR A 269 -5.85 1.04 3.44
CA TYR A 269 -5.04 1.89 2.57
C TYR A 269 -5.48 1.70 1.13
N ASP A 270 -5.53 0.44 0.71
CA ASP A 270 -5.86 0.09 -0.68
C ASP A 270 -6.86 -1.05 -0.72
N TYR A 271 -7.92 -0.87 -1.50
CA TYR A 271 -9.02 -1.83 -1.55
C TYR A 271 -8.87 -2.87 -2.67
N GLY A 272 -7.63 -3.01 -3.15
CA GLY A 272 -7.28 -4.04 -4.11
C GLY A 272 -6.19 -4.95 -3.57
N LYS A 273 -5.25 -5.30 -4.43
CA LYS A 273 -4.13 -6.16 -4.02
C LYS A 273 -3.04 -5.31 -3.38
N TYR A 274 -2.92 -5.43 -2.07
CA TYR A 274 -2.05 -4.55 -1.29
C TYR A 274 -1.81 -5.11 0.12
N TYR A 275 -0.57 -5.48 0.41
CA TYR A 275 -0.26 -6.14 1.68
C TYR A 275 1.11 -5.76 2.26
N ALA A 276 1.25 -5.97 3.57
CA ALA A 276 2.49 -5.74 4.32
C ALA A 276 3.05 -4.32 4.18
N SER A 277 2.19 -3.33 4.39
CA SER A 277 2.55 -1.92 4.28
C SER A 277 3.47 -1.44 5.38
N LYS A 278 4.37 -0.53 5.02
CA LYS A 278 5.28 0.08 5.99
C LYS A 278 5.55 1.53 5.61
N THR A 279 5.65 2.37 6.62
CA THR A 279 5.91 3.79 6.43
C THR A 279 7.26 4.20 7.00
N PHE A 280 7.79 5.32 6.50
CA PHE A 280 8.98 5.92 7.08
C PHE A 280 8.93 7.44 6.96
N PHE A 281 9.60 8.13 7.88
CA PHE A 281 9.67 9.59 7.87
C PHE A 281 10.79 10.06 6.95
N ASP A 282 10.41 10.91 5.99
CA ASP A 282 11.35 11.46 5.03
C ASP A 282 11.72 12.89 5.43
N SER A 283 12.79 13.00 6.21
CA SER A 283 13.23 14.29 6.76
C SER A 283 13.67 15.29 5.69
N ALA A 284 13.91 14.80 4.48
CA ALA A 284 14.27 15.65 3.35
C ALA A 284 13.11 16.55 2.93
N LYS A 285 11.91 15.97 2.79
CA LYS A 285 10.75 16.72 2.34
C LYS A 285 9.61 16.82 3.38
N ASN A 286 9.92 16.45 4.62
CA ASN A 286 8.93 16.44 5.72
C ASN A 286 7.61 15.77 5.36
N ARG A 287 7.70 14.53 4.90
CA ARG A 287 6.54 13.77 4.45
C ARG A 287 6.64 12.32 4.90
N ARG A 288 5.49 11.68 5.08
CA ARG A 288 5.47 10.26 5.41
C ARG A 288 5.22 9.44 4.14
N ILE A 289 6.07 8.44 3.92
CA ILE A 289 6.01 7.62 2.70
C ILE A 289 5.55 6.20 3.01
N LEU A 290 4.59 5.72 2.23
CA LEU A 290 4.03 4.39 2.38
C LEU A 290 4.50 3.46 1.27
N TRP A 291 5.13 2.35 1.67
CA TRP A 291 5.52 1.27 0.76
C TRP A 291 4.54 0.12 0.89
N GLY A 292 4.14 -0.46 -0.24
CA GLY A 292 3.21 -1.58 -0.23
C GLY A 292 3.61 -2.71 -1.18
N TRP A 293 3.34 -3.94 -0.77
CA TRP A 293 3.62 -5.12 -1.60
C TRP A 293 2.39 -5.61 -2.34
N THR A 294 2.52 -5.75 -3.65
CA THR A 294 1.46 -6.31 -4.49
C THR A 294 1.96 -7.62 -5.08
N ASN A 295 1.36 -8.73 -4.66
CA ASN A 295 1.75 -10.02 -5.18
C ASN A 295 1.09 -10.32 -6.52
N GLU A 296 1.44 -11.46 -7.10
CA GLU A 296 1.00 -11.84 -8.45
C GLU A 296 -0.43 -12.37 -8.44
N SER A 297 -1.22 -11.94 -9.44
CA SER A 297 -2.60 -12.42 -9.59
C SER A 297 -2.70 -13.61 -10.55
N SER A 298 -1.59 -13.91 -11.23
CA SER A 298 -1.50 -15.05 -12.12
C SER A 298 -1.25 -16.34 -11.34
N SER A 299 -1.51 -17.48 -11.98
CA SER A 299 -1.24 -18.79 -11.40
C SER A 299 0.25 -18.96 -11.08
N VAL A 300 0.55 -19.82 -10.09
CA VAL A 300 1.92 -20.06 -9.65
C VAL A 300 2.77 -20.68 -10.77
N GLU A 301 2.12 -21.51 -11.59
CA GLU A 301 2.74 -22.11 -12.77
C GLU A 301 3.31 -21.04 -13.71
N ASP A 302 2.53 -19.98 -13.93
CA ASP A 302 2.95 -18.86 -14.77
C ASP A 302 4.13 -18.09 -14.18
N ASP A 303 4.18 -18.02 -12.86
CA ASP A 303 5.23 -17.30 -12.15
C ASP A 303 6.60 -17.92 -12.35
N VAL A 304 6.69 -19.24 -12.16
CA VAL A 304 7.93 -19.97 -12.38
C VAL A 304 8.31 -20.02 -13.87
N GLU A 305 7.29 -19.98 -14.72
CA GLU A 305 7.47 -19.99 -16.17
C GLU A 305 8.12 -18.69 -16.65
N LYS A 306 7.68 -17.55 -16.10
CA LYS A 306 8.26 -16.24 -16.43
C LYS A 306 9.50 -15.95 -15.58
N GLY A 307 9.64 -16.69 -14.47
CA GLY A 307 10.84 -16.63 -13.63
C GLY A 307 10.91 -15.48 -12.65
N TRP A 308 9.77 -14.89 -12.31
CA TRP A 308 9.69 -13.83 -11.28
C TRP A 308 8.30 -13.72 -10.68
N SER A 309 8.21 -13.18 -9.46
CA SER A 309 6.92 -12.97 -8.79
C SER A 309 6.96 -11.87 -7.73
N GLY A 310 6.01 -10.95 -7.83
CA GLY A 310 5.84 -9.88 -6.84
C GLY A 310 6.49 -8.57 -7.24
N ILE A 311 5.69 -7.51 -7.28
CA ILE A 311 6.21 -6.15 -7.49
C ILE A 311 5.87 -5.24 -6.31
N GLN A 312 6.52 -4.08 -6.25
CA GLN A 312 6.28 -3.09 -5.21
C GLN A 312 5.55 -1.89 -5.81
N THR A 313 4.49 -1.44 -5.16
CA THR A 313 3.76 -0.26 -5.61
C THR A 313 4.66 0.97 -5.62
N ILE A 314 4.40 1.86 -6.56
CA ILE A 314 5.04 3.18 -6.56
C ILE A 314 4.64 3.89 -5.25
N PRO A 315 5.65 4.35 -4.49
CA PRO A 315 5.46 4.88 -3.13
C PRO A 315 4.41 5.98 -3.05
N ARG A 316 3.67 6.01 -1.93
CA ARG A 316 2.66 7.02 -1.70
C ARG A 316 3.01 7.95 -0.55
N LYS A 317 2.68 9.23 -0.71
CA LYS A 317 2.72 10.18 0.38
C LYS A 317 1.42 10.04 1.17
N ILE A 318 1.51 10.04 2.49
CA ILE A 318 0.32 9.95 3.34
C ILE A 318 0.18 11.11 4.33
N TRP A 319 -1.06 11.56 4.49
CA TRP A 319 -1.43 12.56 5.50
C TRP A 319 -2.87 12.32 5.96
N LEU A 320 -3.31 13.09 6.95
CA LEU A 320 -4.65 12.98 7.51
C LEU A 320 -5.60 13.95 6.81
N ASP A 321 -6.79 13.46 6.45
CA ASP A 321 -7.81 14.29 5.82
C ASP A 321 -8.34 15.34 6.79
N ARG A 322 -8.72 16.49 6.27
CA ARG A 322 -9.25 17.60 7.07
C ARG A 322 -10.39 17.18 8.01
N SER A 323 -11.31 16.35 7.50
CA SER A 323 -12.45 15.87 8.30
C SER A 323 -12.04 14.89 9.40
N GLY A 324 -10.77 14.48 9.38
CA GLY A 324 -10.20 13.61 10.41
C GLY A 324 -10.69 12.18 10.39
N LYS A 325 -11.45 11.83 9.35
CA LYS A 325 -12.11 10.53 9.27
C LYS A 325 -11.24 9.45 8.64
N GLN A 326 -10.35 9.85 7.75
CA GLN A 326 -9.52 8.91 6.98
C GLN A 326 -8.18 9.50 6.57
N LEU A 327 -7.27 8.62 6.13
CA LEU A 327 -5.98 9.04 5.60
C LEU A 327 -6.07 9.25 4.09
N ILE A 328 -5.24 10.14 3.57
CA ILE A 328 -5.15 10.35 2.13
C ILE A 328 -3.78 9.92 1.62
N GLN A 329 -3.76 9.25 0.46
CA GLN A 329 -2.52 8.81 -0.16
C GLN A 329 -2.41 9.39 -1.57
N TRP A 330 -1.19 9.73 -1.96
CA TRP A 330 -0.92 10.22 -3.31
C TRP A 330 0.48 9.80 -3.75
N PRO A 331 0.60 9.23 -4.96
CA PRO A 331 1.91 8.80 -5.48
C PRO A 331 2.93 9.91 -5.35
N VAL A 332 4.09 9.60 -4.79
CA VAL A 332 5.17 10.58 -4.62
C VAL A 332 5.38 11.39 -5.90
N ARG A 333 5.55 12.70 -5.75
CA ARG A 333 5.61 13.61 -6.90
C ARG A 333 6.76 13.32 -7.87
N GLU A 334 7.79 12.62 -7.39
CA GLU A 334 8.94 12.25 -8.23
C GLU A 334 8.57 11.39 -9.44
N VAL A 335 7.50 10.61 -9.32
CA VAL A 335 7.04 9.76 -10.41
C VAL A 335 6.59 10.58 -11.62
N GLU A 336 6.20 11.83 -11.37
CA GLU A 336 5.72 12.74 -12.42
C GLU A 336 6.84 13.17 -13.38
N ARG A 337 8.08 12.91 -12.98
CA ARG A 337 9.25 13.18 -13.81
C ARG A 337 9.34 12.22 -15.00
N LEU A 338 8.75 11.04 -14.85
CA LEU A 338 8.77 10.02 -15.90
C LEU A 338 7.86 10.36 -17.07
N ARG A 339 7.02 11.38 -16.90
CA ARG A 339 6.08 11.80 -17.93
C ARG A 339 6.81 12.37 -19.15
N THR A 340 6.40 11.92 -20.33
CA THR A 340 6.89 12.48 -21.59
C THR A 340 6.54 13.96 -21.66
N LYS A 341 7.45 14.76 -22.23
CA LYS A 341 7.21 16.19 -22.47
C LYS A 341 5.90 16.37 -23.23
N GLN A 342 5.64 15.47 -24.17
CA GLN A 342 4.38 15.42 -24.91
C GLN A 342 3.26 14.88 -24.03
N VAL A 343 2.09 15.50 -24.16
CA VAL A 343 0.93 15.19 -23.31
C VAL A 343 -0.36 15.30 -24.11
N LYS A 344 -1.08 14.18 -24.22
CA LYS A 344 -2.39 14.19 -24.86
C LYS A 344 -3.43 14.78 -23.92
N ASN A 345 -4.17 15.78 -24.41
CA ASN A 345 -5.14 16.50 -23.61
C ASN A 345 -6.50 16.60 -24.30
N LEU A 346 -7.55 16.24 -23.56
CA LEU A 346 -8.92 16.35 -24.05
C LEU A 346 -9.79 17.04 -23.01
N ARG A 347 -10.65 17.94 -23.47
CA ARG A 347 -11.51 18.69 -22.56
C ARG A 347 -12.86 19.04 -23.17
N ASN A 348 -13.87 19.15 -22.29
CA ASN A 348 -15.25 19.46 -22.67
C ASN A 348 -15.77 18.54 -23.76
N LYS A 349 -15.76 17.24 -23.47
CA LYS A 349 -16.29 16.22 -24.38
C LYS A 349 -17.45 15.51 -23.70
N VAL A 350 -18.50 15.20 -24.47
CA VAL A 350 -19.69 14.60 -23.89
C VAL A 350 -19.91 13.14 -24.24
N LEU A 351 -19.68 12.27 -23.26
CA LEU A 351 -19.97 10.86 -23.38
C LEU A 351 -21.44 10.63 -23.07
N LYS A 352 -22.23 10.36 -24.11
CA LYS A 352 -23.64 10.06 -23.92
C LYS A 352 -23.86 8.60 -23.53
N SER A 353 -25.09 8.24 -23.17
CA SER A 353 -25.41 6.88 -22.73
C SER A 353 -24.87 5.83 -23.70
N GLY A 354 -24.02 4.94 -23.18
CA GLY A 354 -23.44 3.84 -23.97
C GLY A 354 -22.42 4.29 -25.00
N SER A 355 -21.43 5.07 -24.56
CA SER A 355 -20.41 5.59 -25.48
C SER A 355 -18.98 5.43 -24.96
N ARG A 356 -18.03 5.54 -25.88
CA ARG A 356 -16.60 5.41 -25.58
C ARG A 356 -15.78 6.46 -26.32
N LEU A 357 -14.63 6.80 -25.77
CA LEU A 357 -13.73 7.78 -26.38
C LEU A 357 -12.28 7.32 -26.23
N GLU A 358 -11.68 6.92 -27.34
CA GLU A 358 -10.29 6.44 -27.32
C GLU A 358 -9.32 7.60 -27.17
N VAL A 359 -8.31 7.41 -26.32
CA VAL A 359 -7.25 8.38 -26.11
C VAL A 359 -6.07 8.04 -27.01
N TYR A 360 -5.90 8.82 -28.09
CA TYR A 360 -4.85 8.57 -29.07
C TYR A 360 -3.51 9.21 -28.69
N GLY A 361 -2.43 8.65 -29.21
CA GLY A 361 -1.10 9.23 -29.08
C GLY A 361 -0.43 9.07 -27.73
N VAL A 362 -0.65 7.92 -27.10
CA VAL A 362 0.03 7.58 -25.84
C VAL A 362 0.44 6.10 -25.80
N THR A 363 1.57 5.82 -25.16
CA THR A 363 1.99 4.44 -24.88
C THR A 363 1.02 3.87 -23.83
N ALA A 364 -0.01 3.19 -24.32
CA ALA A 364 -1.18 2.84 -23.51
C ALA A 364 -0.98 1.77 -22.43
N ALA A 365 0.15 1.07 -22.48
CA ALA A 365 0.50 0.06 -21.49
C ALA A 365 1.43 0.59 -20.39
N GLN A 366 1.89 1.83 -20.56
CA GLN A 366 2.82 2.47 -19.63
C GLN A 366 2.57 3.99 -19.64
N ALA A 367 1.61 4.42 -18.83
CA ALA A 367 1.10 5.80 -18.88
C ALA A 367 0.50 6.30 -17.57
N ASP A 368 0.27 7.60 -17.51
CA ASP A 368 -0.40 8.24 -16.39
C ASP A 368 -1.57 9.06 -16.92
N VAL A 369 -2.75 8.87 -16.35
CA VAL A 369 -3.97 9.49 -16.87
C VAL A 369 -4.86 10.07 -15.76
N GLU A 370 -5.31 11.32 -15.95
CA GLU A 370 -6.15 12.03 -14.99
C GLU A 370 -7.43 12.56 -15.62
N VAL A 371 -8.58 12.23 -15.03
CA VAL A 371 -9.89 12.62 -15.57
C VAL A 371 -10.70 13.44 -14.56
N LEU A 372 -11.44 14.41 -15.06
CA LEU A 372 -12.44 15.12 -14.25
C LEU A 372 -13.83 14.94 -14.87
N PHE A 373 -14.73 14.31 -14.11
CA PHE A 373 -16.09 14.06 -14.56
C PHE A 373 -17.09 15.03 -13.92
N LYS A 374 -17.90 15.68 -14.75
CA LYS A 374 -18.97 16.54 -14.25
C LYS A 374 -20.34 15.90 -14.52
N VAL A 375 -21.11 15.71 -13.45
CA VAL A 375 -22.45 15.16 -13.52
C VAL A 375 -23.46 16.29 -13.72
N ARG A 376 -24.41 16.07 -14.62
CA ARG A 376 -25.39 17.11 -14.97
C ARG A 376 -26.49 17.31 -13.92
N ASP A 377 -27.34 16.32 -13.72
CA ASP A 377 -28.47 16.43 -12.80
C ASP A 377 -28.40 15.31 -11.75
N LEU A 378 -28.14 15.71 -10.50
CA LEU A 378 -27.88 14.77 -9.41
C LEU A 378 -29.09 13.99 -8.92
N GLU A 379 -30.29 14.52 -9.16
CA GLU A 379 -31.51 13.84 -8.72
C GLU A 379 -31.95 12.74 -9.69
N LYS A 380 -31.15 12.51 -10.74
CA LYS A 380 -31.36 11.40 -11.66
C LYS A 380 -30.70 10.12 -11.12
N ALA A 381 -29.87 10.28 -10.10
CA ALA A 381 -29.19 9.15 -9.45
C ALA A 381 -30.17 8.25 -8.72
N ASP A 382 -29.94 6.94 -8.84
CA ASP A 382 -30.77 5.94 -8.19
C ASP A 382 -30.53 5.97 -6.68
N VAL A 383 -31.53 5.56 -5.90
CA VAL A 383 -31.40 5.50 -4.44
C VAL A 383 -30.83 4.14 -4.03
N ILE A 384 -29.82 4.15 -3.15
CA ILE A 384 -29.13 2.92 -2.74
C ILE A 384 -30.06 1.89 -2.10
N GLU A 385 -29.94 0.65 -2.54
CA GLU A 385 -30.73 -0.46 -2.01
C GLU A 385 -30.37 -0.68 -0.54
N PRO A 386 -31.39 -0.84 0.33
CA PRO A 386 -31.22 -0.89 1.79
C PRO A 386 -29.97 -1.61 2.31
N SER A 387 -29.83 -2.90 2.01
CA SER A 387 -28.77 -3.72 2.59
C SER A 387 -27.52 -3.83 1.70
N TRP A 388 -27.14 -2.69 1.10
CA TRP A 388 -25.93 -2.60 0.29
C TRP A 388 -24.87 -1.85 1.08
N THR A 389 -23.98 -2.61 1.71
CA THR A 389 -23.01 -2.06 2.65
C THR A 389 -21.56 -2.33 2.23
N ASP A 390 -21.35 -3.49 1.62
CA ASP A 390 -20.02 -3.88 1.16
C ASP A 390 -19.79 -3.37 -0.25
N PRO A 391 -18.86 -2.41 -0.41
CA PRO A 391 -18.59 -1.81 -1.72
C PRO A 391 -18.02 -2.78 -2.75
N GLN A 392 -17.32 -3.82 -2.28
CA GLN A 392 -16.77 -4.85 -3.17
C GLN A 392 -17.88 -5.73 -3.75
N LEU A 393 -18.93 -5.94 -2.96
CA LEU A 393 -20.07 -6.74 -3.40
C LEU A 393 -20.95 -6.04 -4.44
N ILE A 394 -21.01 -4.71 -4.39
CA ILE A 394 -21.76 -3.93 -5.39
C ILE A 394 -21.13 -4.10 -6.77
N CYS A 395 -19.80 -4.00 -6.81
CA CYS A 395 -19.05 -4.02 -8.06
C CYS A 395 -19.04 -5.39 -8.75
N SER A 396 -19.27 -6.44 -7.97
CA SER A 396 -19.26 -7.81 -8.50
C SER A 396 -20.68 -8.29 -8.85
N LYS A 397 -21.68 -7.80 -8.12
CA LYS A 397 -23.07 -8.12 -8.39
C LYS A 397 -23.52 -7.49 -9.71
N MET A 398 -23.05 -6.28 -9.98
CA MET A 398 -23.38 -5.57 -11.21
C MET A 398 -22.15 -5.03 -11.95
N ASN A 399 -21.77 -5.75 -13.01
CA ASN A 399 -20.64 -5.37 -13.85
C ASN A 399 -20.95 -4.16 -14.74
N VAL A 400 -20.03 -3.82 -15.65
CA VAL A 400 -20.20 -2.69 -16.57
C VAL A 400 -21.44 -2.79 -17.47
N SER A 401 -21.95 -4.01 -17.64
CA SER A 401 -23.12 -4.24 -18.49
C SER A 401 -24.43 -3.82 -17.81
N VAL A 402 -24.47 -3.87 -16.49
CA VAL A 402 -25.66 -3.45 -15.73
C VAL A 402 -25.57 -1.94 -15.44
N LYS A 403 -26.59 -1.21 -15.87
CA LYS A 403 -26.54 0.26 -15.85
C LYS A 403 -27.32 0.91 -14.71
N SER A 404 -26.75 1.99 -14.17
CA SER A 404 -27.42 2.83 -13.18
C SER A 404 -27.80 4.16 -13.83
N GLY A 405 -28.65 4.93 -13.15
CA GLY A 405 -28.98 6.29 -13.58
C GLY A 405 -27.71 7.08 -13.83
N LEU A 406 -26.84 7.12 -12.82
CA LEU A 406 -25.51 7.71 -12.95
C LEU A 406 -24.44 6.64 -12.74
N GLY A 407 -23.75 6.29 -13.82
CA GLY A 407 -22.76 5.23 -13.80
C GLY A 407 -23.24 3.98 -14.51
N PRO A 408 -22.30 3.16 -15.02
CA PRO A 408 -20.85 3.31 -14.86
C PRO A 408 -20.21 4.33 -15.81
N PHE A 409 -19.37 5.19 -15.25
CA PHE A 409 -18.52 6.08 -16.06
C PHE A 409 -17.12 6.15 -15.46
N GLY A 410 -16.12 6.16 -16.32
CA GLY A 410 -14.73 6.17 -15.90
C GLY A 410 -13.78 5.82 -17.03
N LEU A 411 -12.79 4.99 -16.72
CA LEU A 411 -11.79 4.60 -17.71
C LEU A 411 -11.81 3.11 -18.00
N MET A 412 -11.45 2.77 -19.23
CA MET A 412 -11.13 1.40 -19.61
C MET A 412 -9.66 1.36 -19.98
N VAL A 413 -8.86 0.70 -19.15
CA VAL A 413 -7.41 0.67 -19.31
C VAL A 413 -6.94 -0.70 -19.79
N LEU A 414 -5.73 -0.75 -20.34
CA LEU A 414 -5.14 -1.98 -20.88
C LEU A 414 -6.14 -2.75 -21.75
N ALA A 415 -6.54 -2.11 -22.85
CA ALA A 415 -7.61 -2.65 -23.71
C ALA A 415 -7.15 -3.02 -25.12
N SER A 416 -7.71 -4.12 -25.63
CA SER A 416 -7.47 -4.57 -27.00
C SER A 416 -8.28 -3.73 -27.99
N LYS A 417 -7.81 -3.67 -29.24
CA LYS A 417 -8.45 -2.90 -30.30
C LYS A 417 -9.98 -3.05 -30.32
N ASN A 418 -10.43 -4.29 -30.50
CA ASN A 418 -11.85 -4.59 -30.61
C ASN A 418 -12.52 -4.95 -29.27
N LEU A 419 -11.84 -4.59 -28.18
CA LEU A 419 -12.35 -4.73 -26.81
C LEU A 419 -12.71 -6.15 -26.38
N GLU A 420 -11.88 -7.12 -26.73
CA GLU A 420 -12.00 -8.47 -26.20
C GLU A 420 -11.46 -8.51 -24.78
N GLU A 421 -10.44 -7.69 -24.54
CA GLU A 421 -9.84 -7.53 -23.22
C GLU A 421 -9.88 -6.06 -22.80
N TYR A 422 -10.35 -5.80 -21.58
CA TYR A 422 -10.31 -4.47 -20.98
C TYR A 422 -10.42 -4.55 -19.46
N THR A 423 -9.69 -3.67 -18.77
CA THR A 423 -9.82 -3.51 -17.33
C THR A 423 -10.50 -2.18 -17.07
N SER A 424 -11.69 -2.22 -16.49
CA SER A 424 -12.48 -1.00 -16.30
C SER A 424 -12.43 -0.46 -14.87
N VAL A 425 -12.16 0.84 -14.76
CA VAL A 425 -12.17 1.55 -13.49
C VAL A 425 -13.20 2.68 -13.59
N TYR A 426 -14.25 2.60 -12.77
CA TYR A 426 -15.40 3.48 -12.95
C TYR A 426 -16.08 3.93 -11.66
N PHE A 427 -16.97 4.90 -11.80
CA PHE A 427 -17.79 5.41 -10.72
C PHE A 427 -19.27 5.04 -10.87
N ARG A 428 -19.96 4.97 -9.74
CA ARG A 428 -21.43 4.91 -9.70
C ARG A 428 -21.90 5.86 -8.61
N ILE A 429 -22.97 6.61 -8.87
CA ILE A 429 -23.50 7.53 -7.86
C ILE A 429 -24.92 7.16 -7.43
N PHE A 430 -25.10 7.00 -6.13
CA PHE A 430 -26.40 6.70 -5.54
C PHE A 430 -26.83 7.81 -4.60
N LYS A 431 -28.12 7.82 -4.26
CA LYS A 431 -28.62 8.67 -3.19
C LYS A 431 -28.57 7.88 -1.89
N ALA A 432 -28.08 8.52 -0.83
CA ALA A 432 -28.04 7.90 0.49
C ALA A 432 -29.44 7.76 1.07
N ARG A 433 -29.61 6.81 1.99
CA ARG A 433 -30.90 6.51 2.59
C ARG A 433 -31.31 7.51 3.69
N GLN A 434 -30.42 8.45 4.00
CA GLN A 434 -30.63 9.44 5.06
C GLN A 434 -31.66 10.50 4.67
N ASN A 435 -32.07 11.30 5.67
CA ASN A 435 -33.03 12.39 5.48
C ASN A 435 -32.46 13.59 4.72
N SER A 436 -31.14 13.75 4.78
CA SER A 436 -30.46 14.90 4.16
C SER A 436 -29.95 14.61 2.74
N ASN A 437 -29.48 15.65 2.07
CA ASN A 437 -28.92 15.54 0.72
C ASN A 437 -27.53 14.91 0.70
N LYS A 438 -27.45 13.65 1.12
CA LYS A 438 -26.17 12.93 1.13
C LYS A 438 -26.13 11.95 -0.04
N TYR A 439 -24.95 11.82 -0.65
CA TYR A 439 -24.77 10.95 -1.81
C TYR A 439 -23.66 9.94 -1.59
N VAL A 440 -23.83 8.76 -2.18
CA VAL A 440 -22.85 7.69 -2.09
C VAL A 440 -22.13 7.55 -3.42
N VAL A 441 -20.82 7.78 -3.42
CA VAL A 441 -20.01 7.58 -4.62
C VAL A 441 -19.23 6.27 -4.55
N LEU A 442 -19.43 5.43 -5.55
CA LEU A 442 -18.81 4.12 -5.63
C LEU A 442 -17.68 4.11 -6.65
N MET A 443 -16.57 3.47 -6.30
CA MET A 443 -15.44 3.31 -7.20
C MET A 443 -15.11 1.84 -7.35
N CYS A 444 -15.18 1.34 -8.58
CA CYS A 444 -14.91 -0.08 -8.84
C CYS A 444 -13.68 -0.27 -9.72
N SER A 445 -13.00 -1.39 -9.52
CA SER A 445 -11.99 -1.85 -10.46
C SER A 445 -12.39 -3.26 -10.90
N ASP A 446 -12.99 -3.34 -12.09
CA ASP A 446 -13.48 -4.60 -12.64
C ASP A 446 -12.46 -5.20 -13.59
N GLN A 447 -11.98 -6.39 -13.26
CA GLN A 447 -11.03 -7.11 -14.12
C GLN A 447 -11.53 -8.49 -14.55
N SER A 448 -12.85 -8.66 -14.56
CA SER A 448 -13.47 -9.88 -15.02
C SER A 448 -13.24 -10.13 -16.52
N ARG A 449 -13.09 -9.04 -17.27
CA ARG A 449 -12.90 -9.11 -18.71
C ARG A 449 -11.48 -8.68 -19.08
N SER A 450 -10.59 -8.64 -18.09
CA SER A 450 -9.25 -8.06 -18.24
C SER A 450 -8.28 -8.87 -19.10
N SER A 451 -8.45 -10.19 -19.11
CA SER A 451 -7.55 -11.07 -19.86
C SER A 451 -8.28 -12.29 -20.41
N LEU A 452 -7.92 -12.71 -21.62
CA LEU A 452 -8.49 -13.89 -22.24
C LEU A 452 -8.04 -15.19 -21.57
N LYS A 453 -6.83 -15.18 -21.00
CA LYS A 453 -6.32 -16.33 -20.26
C LYS A 453 -7.26 -16.66 -19.09
N GLU A 454 -7.71 -17.91 -19.06
CA GLU A 454 -8.79 -18.34 -18.17
C GLU A 454 -8.42 -18.34 -16.68
N ASP A 455 -7.25 -18.90 -16.35
CA ASP A 455 -6.87 -19.12 -14.96
C ASP A 455 -6.03 -18.01 -14.33
N ASN A 456 -6.53 -16.78 -14.43
CA ASN A 456 -5.98 -15.63 -13.72
C ASN A 456 -6.94 -15.19 -12.62
N ASP A 457 -6.42 -14.51 -11.61
CA ASP A 457 -7.28 -13.95 -10.56
C ASP A 457 -8.06 -12.76 -11.10
N LYS A 458 -9.36 -12.98 -11.30
CA LYS A 458 -10.25 -11.99 -11.93
C LYS A 458 -11.06 -11.20 -10.91
N THR A 459 -10.65 -11.25 -9.63
CA THR A 459 -11.40 -10.62 -8.53
C THR A 459 -11.60 -9.11 -8.75
N THR A 460 -12.84 -8.68 -8.57
CA THR A 460 -13.23 -7.27 -8.68
C THR A 460 -13.13 -6.58 -7.33
N TYR A 461 -12.47 -5.43 -7.30
CA TYR A 461 -12.28 -4.67 -6.07
C TYR A 461 -13.19 -3.43 -6.03
N GLY A 462 -13.61 -3.04 -4.83
CA GLY A 462 -14.54 -1.92 -4.67
C GLY A 462 -14.29 -1.06 -3.44
N ALA A 463 -14.63 0.22 -3.55
CA ALA A 463 -14.47 1.19 -2.46
C ALA A 463 -15.44 2.37 -2.58
N PHE A 464 -15.84 2.92 -1.44
CA PHE A 464 -16.59 4.17 -1.38
C PHE A 464 -15.63 5.35 -1.34
N VAL A 465 -16.01 6.47 -1.95
CA VAL A 465 -15.20 7.67 -1.94
C VAL A 465 -15.91 8.76 -1.14
N ASP A 466 -15.16 9.47 -0.30
CA ASP A 466 -15.73 10.57 0.48
C ASP A 466 -15.55 11.91 -0.24
N ILE A 467 -16.27 12.06 -1.34
CA ILE A 467 -16.28 13.30 -2.10
C ILE A 467 -17.71 13.75 -2.41
N ASN A 468 -17.84 15.02 -2.79
CA ASN A 468 -19.14 15.60 -3.12
C ASN A 468 -19.33 15.64 -4.64
N PRO A 469 -20.32 14.88 -5.15
CA PRO A 469 -20.59 14.81 -6.60
C PRO A 469 -21.21 16.09 -7.16
N HIS A 470 -21.38 17.10 -6.32
CA HIS A 470 -21.69 18.45 -6.78
C HIS A 470 -20.47 18.98 -7.53
N GLN A 471 -19.30 18.79 -6.92
CA GLN A 471 -18.01 19.08 -7.56
C GLN A 471 -17.67 18.00 -8.59
N PRO A 472 -16.75 18.31 -9.53
CA PRO A 472 -16.26 17.30 -10.48
C PRO A 472 -15.55 16.12 -9.80
N LEU A 473 -15.77 14.92 -10.31
CA LEU A 473 -15.18 13.70 -9.76
C LEU A 473 -13.79 13.45 -10.31
N SER A 474 -12.84 13.22 -9.41
CA SER A 474 -11.43 13.03 -9.75
C SER A 474 -11.04 11.56 -9.80
N LEU A 475 -10.48 11.13 -10.94
CA LEU A 475 -9.95 9.77 -11.12
C LEU A 475 -8.57 9.78 -11.77
N ARG A 476 -7.64 9.04 -11.18
CA ARG A 476 -6.29 8.91 -11.71
C ARG A 476 -5.89 7.44 -11.82
N ALA A 477 -5.11 7.10 -12.85
CA ALA A 477 -4.62 5.74 -13.03
C ALA A 477 -3.18 5.73 -13.53
N LEU A 478 -2.32 5.02 -12.81
CA LEU A 478 -0.96 4.74 -13.27
C LEU A 478 -0.92 3.35 -13.88
N ILE A 479 -0.67 3.28 -15.18
CA ILE A 479 -0.73 2.02 -15.93
C ILE A 479 0.67 1.51 -16.24
N ASP A 480 0.96 0.26 -15.84
CA ASP A 480 2.29 -0.32 -16.03
C ASP A 480 2.29 -1.80 -16.40
N HIS A 481 1.83 -2.08 -17.62
CA HIS A 481 1.85 -3.42 -18.26
C HIS A 481 0.99 -4.49 -17.58
N SER A 482 1.31 -4.84 -16.34
CA SER A 482 0.53 -5.83 -15.60
C SER A 482 -0.09 -5.29 -14.29
N VAL A 483 0.18 -4.03 -13.99
CA VAL A 483 -0.35 -3.39 -12.78
C VAL A 483 -0.99 -2.04 -13.09
N VAL A 484 -2.13 -1.79 -12.46
CA VAL A 484 -2.81 -0.49 -12.56
C VAL A 484 -3.22 0.01 -11.17
N GLU A 485 -2.83 1.25 -10.87
CA GLU A 485 -3.12 1.88 -9.58
C GLU A 485 -4.13 3.01 -9.72
N SER A 486 -5.36 2.74 -9.29
CA SER A 486 -6.46 3.69 -9.44
C SER A 486 -6.65 4.56 -8.21
N PHE A 487 -6.81 5.86 -8.43
CA PHE A 487 -6.94 6.85 -7.36
C PHE A 487 -8.18 7.71 -7.52
N GLY A 488 -9.13 7.53 -6.61
CA GLY A 488 -10.37 8.31 -6.62
C GLY A 488 -10.35 9.46 -5.63
N GLY A 489 -11.10 10.51 -5.96
CA GLY A 489 -11.25 11.68 -5.10
C GLY A 489 -9.95 12.25 -4.54
N LYS A 490 -8.97 12.43 -5.42
CA LYS A 490 -7.63 12.93 -5.05
C LYS A 490 -6.99 12.12 -3.92
N GLY A 491 -7.00 10.80 -4.08
CA GLY A 491 -6.33 9.90 -3.14
C GLY A 491 -7.13 9.52 -1.92
N ARG A 492 -8.44 9.78 -1.95
CA ARG A 492 -9.33 9.40 -0.86
C ARG A 492 -9.72 7.93 -0.95
N ALA A 493 -9.60 7.36 -2.14
CA ALA A 493 -9.81 5.92 -2.34
C ALA A 493 -8.77 5.39 -3.32
N CYS A 494 -8.12 4.29 -2.93
CA CYS A 494 -7.05 3.68 -3.74
C CYS A 494 -7.33 2.21 -4.02
N ILE A 495 -7.18 1.82 -5.28
CA ILE A 495 -7.34 0.42 -5.68
C ILE A 495 -6.20 -0.01 -6.61
N THR A 496 -5.48 -1.05 -6.18
CA THR A 496 -4.44 -1.67 -7.00
C THR A 496 -4.92 -3.04 -7.49
N SER A 497 -4.77 -3.29 -8.79
CA SER A 497 -5.14 -4.58 -9.36
C SER A 497 -4.07 -5.08 -10.32
N ARG A 498 -4.04 -6.40 -10.53
CA ARG A 498 -3.02 -7.03 -11.37
C ARG A 498 -3.64 -7.73 -12.56
N VAL A 499 -3.18 -7.35 -13.75
CA VAL A 499 -3.81 -7.76 -15.00
C VAL A 499 -2.77 -8.33 -15.96
N TYR A 500 -3.06 -9.48 -16.55
CA TYR A 500 -2.14 -10.12 -17.48
C TYR A 500 -2.81 -10.39 -18.83
N PRO A 501 -3.01 -9.34 -19.64
CA PRO A 501 -3.77 -9.47 -20.88
C PRO A 501 -2.99 -10.21 -21.96
N LYS A 502 -3.70 -11.02 -22.75
CA LYS A 502 -3.07 -11.78 -23.82
C LYS A 502 -3.00 -10.99 -25.13
N LEU A 503 -3.90 -10.03 -25.29
CA LEU A 503 -3.92 -9.16 -26.47
C LEU A 503 -3.36 -7.76 -26.20
N ALA A 504 -3.84 -7.13 -25.13
CA ALA A 504 -3.50 -5.75 -24.79
C ALA A 504 -2.10 -5.60 -24.19
N ILE A 505 -1.08 -5.64 -25.05
CA ILE A 505 0.31 -5.53 -24.60
C ILE A 505 1.15 -4.61 -25.50
N GLY A 506 1.87 -3.68 -24.86
CA GLY A 506 2.78 -2.75 -25.55
C GLY A 506 2.12 -1.89 -26.62
N LYS A 507 2.48 -2.16 -27.86
CA LYS A 507 1.96 -1.45 -29.03
C LYS A 507 0.46 -1.67 -29.25
N SER A 508 -0.03 -2.83 -28.81
CA SER A 508 -1.40 -3.25 -29.09
C SER A 508 -2.43 -2.80 -28.04
N SER A 509 -1.95 -2.21 -26.96
CA SER A 509 -2.82 -1.73 -25.89
C SER A 509 -3.51 -0.42 -26.26
N HIS A 510 -4.73 -0.22 -25.75
CA HIS A 510 -5.47 1.02 -25.96
C HIS A 510 -5.98 1.60 -24.64
N LEU A 511 -6.58 2.79 -24.72
CA LEU A 511 -7.06 3.52 -23.56
C LEU A 511 -8.39 4.21 -23.90
N PHE A 512 -9.40 3.98 -23.07
CA PHE A 512 -10.73 4.53 -23.30
C PHE A 512 -11.30 5.27 -22.10
N ALA A 513 -12.09 6.30 -22.38
CA ALA A 513 -13.00 6.89 -21.40
C ALA A 513 -14.40 6.48 -21.83
N PHE A 514 -15.24 6.11 -20.88
CA PHE A 514 -16.54 5.52 -21.21
C PHE A 514 -17.67 5.92 -20.26
N ASN A 515 -18.90 5.64 -20.69
CA ASN A 515 -20.12 5.86 -19.91
C ASN A 515 -21.25 4.95 -20.40
N TYR A 516 -21.79 4.13 -19.49
CA TYR A 516 -22.90 3.21 -19.83
C TYR A 516 -24.17 3.49 -19.03
N GLY A 517 -24.14 4.53 -18.20
CA GLY A 517 -25.31 4.95 -17.43
C GLY A 517 -26.40 5.56 -18.31
N TYR A 518 -27.63 5.56 -17.80
CA TYR A 518 -28.78 6.13 -18.52
C TYR A 518 -28.53 7.58 -18.96
N GLN A 519 -27.98 8.39 -18.06
CA GLN A 519 -27.75 9.80 -18.31
C GLN A 519 -26.31 10.09 -18.74
N SER A 520 -26.17 11.04 -19.66
CA SER A 520 -24.85 11.43 -20.18
C SER A 520 -24.06 12.24 -19.15
N VAL A 521 -22.74 12.11 -19.20
CA VAL A 521 -21.84 12.84 -18.29
C VAL A 521 -20.78 13.61 -19.07
N ASP A 522 -20.32 14.72 -18.50
CA ASP A 522 -19.33 15.59 -19.13
C ASP A 522 -17.93 15.27 -18.64
N VAL A 523 -17.00 15.12 -19.59
CA VAL A 523 -15.57 15.02 -19.30
C VAL A 523 -15.00 16.42 -19.33
N LEU A 524 -14.88 17.02 -18.15
CA LEU A 524 -14.40 18.40 -18.02
C LEU A 524 -12.96 18.53 -18.52
N ASN A 525 -12.12 17.57 -18.12
CA ASN A 525 -10.70 17.58 -18.46
C ASN A 525 -10.12 16.17 -18.44
N LEU A 526 -9.17 15.93 -19.34
CA LEU A 526 -8.52 14.62 -19.47
C LEU A 526 -7.08 14.83 -19.94
N ASN A 527 -6.14 14.31 -19.16
CA ASN A 527 -4.73 14.38 -19.53
C ASN A 527 -4.04 13.04 -19.41
N ALA A 528 -3.50 12.57 -20.52
CA ALA A 528 -2.74 11.33 -20.56
C ALA A 528 -1.28 11.63 -20.85
N TRP A 529 -0.40 11.07 -20.02
CA TRP A 529 1.04 11.19 -20.20
C TRP A 529 1.64 9.83 -20.48
N SER A 530 2.37 9.72 -21.58
CA SER A 530 3.21 8.55 -21.82
C SER A 530 4.30 8.54 -20.75
N MET A 531 4.63 7.35 -20.26
CA MET A 531 5.55 7.21 -19.13
C MET A 531 6.87 6.56 -19.54
N ASN A 532 7.97 7.20 -19.17
CA ASN A 532 9.30 6.65 -19.37
C ASN A 532 9.57 5.50 -18.41
N SER A 533 10.46 4.60 -18.80
CA SER A 533 10.90 3.53 -17.91
C SER A 533 11.83 4.08 -16.83
N ALA A 534 12.02 3.33 -15.75
CA ALA A 534 12.90 3.73 -14.66
C ALA A 534 14.05 2.75 -14.52
N GLN A 535 15.19 3.24 -14.03
CA GLN A 535 16.35 2.38 -13.83
C GLN A 535 16.27 1.69 -12.47
N ILE A 536 15.64 0.52 -12.45
CA ILE A 536 15.46 -0.27 -11.23
C ILE A 536 16.16 -1.63 -11.31
N SER A 537 16.64 -2.12 -10.16
CA SER A 537 17.25 -3.46 -10.07
C SER A 537 17.02 -4.09 -8.69
#